data_3SIX
#
_entry.id   3SIX
#
_cell.length_a   128.8
_cell.length_b   128.8
_cell.length_c   91.1
_cell.angle_alpha   90.0
_cell.angle_beta   90.0
_cell.angle_gamma   120.0
#
_symmetry.space_group_name_H-M   'P 65 2 2'
#
loop_
_entity.id
_entity.type
_entity.pdbx_description
1 polymer 'Nodulation fucosyltransferase NodZ'
2 non-polymer "GUANOSINE-5'-DIPHOSPHATE"
3 non-polymer 'PHOSPHATE ION'
4 non-polymer 'CHLORIDE ION'
5 water water
#
_entity_poly.entity_id   1
_entity_poly.type   'polypeptide(L)'
_entity_poly.pdbx_seq_one_letter_code
;MTKERFVISRRRTGFGDCLWSLASAWSYAQRTGRTLVIDWRGSCYVEQPFSNAFPAFFEPVEDIAGVPVICDDRVNQLSF
PGPFFPRWWNRPSIDCINRPDEQIFRERDELTELFQAREDSEANTIVCDACLMWRCSEEAERLIFRNIKLRSEIRARIDA
LYEEHFSGHSIIGVHVRHGNGEDIMEHAPYWADSELALHQVCMAIRKAKALSYPKPVKVFLCTDSAQVLDQVSGLFPDVF
AVPKRFQADRAGPLHSAEMGIEGGASALIDMYLLARCATVIRFPPTSAFTRYARLLVPRIIEFDLSNPGHLTMIDNPYEH
FAASHHHHHH
;
_entity_poly.pdbx_strand_id   A
#
loop_
_chem_comp.id
_chem_comp.type
_chem_comp.name
_chem_comp.formula
CL non-polymer 'CHLORIDE ION' 'Cl -1'
GDP RNA linking GUANOSINE-5'-DIPHOSPHATE 'C10 H15 N5 O11 P2'
PO4 non-polymer 'PHOSPHATE ION' 'O4 P -3'
#
# COMPACT_ATOMS: atom_id res chain seq x y z
N LYS A 3 -29.61 13.36 -5.15
CA LYS A 3 -28.41 13.95 -5.86
C LYS A 3 -27.12 13.17 -5.53
N GLU A 4 -26.20 13.08 -6.51
CA GLU A 4 -25.00 12.27 -6.33
C GLU A 4 -24.08 13.02 -5.37
N ARG A 5 -23.51 12.27 -4.42
CA ARG A 5 -22.52 12.84 -3.48
C ARG A 5 -21.28 11.95 -3.44
N PHE A 6 -20.13 12.54 -3.05
CA PHE A 6 -18.81 11.96 -3.29
C PHE A 6 -17.84 11.91 -2.10
N VAL A 7 -16.91 10.96 -2.21
CA VAL A 7 -15.73 10.88 -1.38
C VAL A 7 -14.56 10.74 -2.32
N ILE A 8 -13.59 11.64 -2.19
CA ILE A 8 -12.43 11.62 -3.02
C ILE A 8 -11.27 11.13 -2.22
N SER A 9 -10.62 10.12 -2.78
CA SER A 9 -9.45 9.52 -2.17
C SER A 9 -8.25 10.00 -2.91
N ARG A 10 -7.52 10.93 -2.29
CA ARG A 10 -6.27 11.40 -2.86
C ARG A 10 -5.08 10.85 -2.08
N ARG A 11 -4.12 10.31 -2.82
CA ARG A 11 -2.86 9.91 -2.23
C ARG A 11 -1.87 9.72 -3.34
N ARG A 12 -0.62 10.08 -3.06
CA ARG A 12 0.42 10.21 -4.07
C ARG A 12 1.75 9.61 -3.55
N THR A 13 1.69 8.74 -2.55
CA THR A 13 2.92 8.20 -1.92
C THR A 13 3.04 6.72 -2.32
N GLY A 14 3.72 5.90 -1.51
CA GLY A 14 3.83 4.46 -1.81
C GLY A 14 2.46 3.79 -1.86
N PHE A 15 2.38 2.70 -2.62
CA PHE A 15 1.13 2.00 -2.86
C PHE A 15 0.48 1.43 -1.60
N GLY A 16 1.27 1.01 -0.61
CA GLY A 16 0.66 0.47 0.61
C GLY A 16 -0.20 1.54 1.32
N ASP A 17 0.34 2.76 1.39
CA ASP A 17 -0.33 3.88 1.98
C ASP A 17 -1.54 4.23 1.08
N CYS A 18 -1.35 4.35 -0.24
CA CYS A 18 -2.42 4.69 -1.14
C CYS A 18 -3.59 3.71 -1.03
N LEU A 19 -3.31 2.41 -0.93
CA LEU A 19 -4.37 1.40 -0.90
C LEU A 19 -5.01 1.27 0.47
N TRP A 20 -4.28 1.45 1.55
CA TRP A 20 -4.90 1.44 2.88
C TRP A 20 -5.82 2.65 3.01
N SER A 21 -5.31 3.82 2.66
CA SER A 21 -6.06 5.08 2.64
C SER A 21 -7.34 5.06 1.77
N LEU A 22 -7.26 4.43 0.61
CA LEU A 22 -8.41 4.23 -0.25
C LEU A 22 -9.46 3.38 0.46
N ALA A 23 -9.02 2.36 1.21
CA ALA A 23 -9.95 1.48 1.94
C ALA A 23 -10.71 2.34 2.98
N SER A 24 -10.06 3.37 3.56
CA SER A 24 -10.84 4.27 4.47
C SER A 24 -11.80 5.15 3.68
N ALA A 25 -11.35 5.72 2.57
CA ALA A 25 -12.28 6.47 1.70
C ALA A 25 -13.47 5.59 1.32
N TRP A 26 -13.18 4.40 0.83
CA TRP A 26 -14.24 3.45 0.41
C TRP A 26 -15.22 3.19 1.55
N SER A 27 -14.69 2.99 2.75
CA SER A 27 -15.59 2.62 3.84
C SER A 27 -16.61 3.73 4.14
N TYR A 28 -16.17 4.99 4.11
CA TYR A 28 -17.09 6.08 4.42
C TYR A 28 -18.12 6.26 3.30
N ALA A 29 -17.68 6.04 2.06
CA ALA A 29 -18.56 6.06 0.88
C ALA A 29 -19.65 4.97 0.97
N GLN A 30 -19.24 3.77 1.36
CA GLN A 30 -20.15 2.66 1.62
C GLN A 30 -21.14 3.05 2.67
N ARG A 31 -20.61 3.52 3.78
CA ARG A 31 -21.44 3.80 4.94
C ARG A 31 -22.48 4.92 4.69
N THR A 32 -22.13 5.94 3.87
CA THR A 32 -23.02 7.12 3.68
C THR A 32 -23.68 7.21 2.29
N GLY A 33 -23.57 6.17 1.46
CA GLY A 33 -24.27 6.16 0.15
C GLY A 33 -23.68 7.17 -0.86
N ARG A 34 -22.35 7.27 -0.91
CA ARG A 34 -21.63 8.18 -1.83
C ARG A 34 -20.86 7.42 -2.89
N THR A 35 -20.57 8.09 -4.00
CA THR A 35 -19.63 7.61 -5.03
C THR A 35 -18.19 7.82 -4.60
N LEU A 36 -17.33 6.83 -4.83
CA LEU A 36 -15.91 6.87 -4.43
C LEU A 36 -15.07 7.25 -5.64
N VAL A 37 -14.25 8.28 -5.50
CA VAL A 37 -13.44 8.79 -6.61
C VAL A 37 -12.00 8.49 -6.24
N ILE A 38 -11.30 7.74 -7.10
CA ILE A 38 -9.87 7.47 -6.88
C ILE A 38 -9.10 8.48 -7.68
N ASP A 39 -8.47 9.42 -6.97
CA ASP A 39 -7.72 10.50 -7.56
C ASP A 39 -6.22 10.39 -7.17
N TRP A 40 -5.45 9.76 -8.06
CA TRP A 40 -4.04 9.59 -7.88
C TRP A 40 -3.22 10.51 -8.79
N ARG A 41 -3.78 11.65 -9.17
CA ARG A 41 -3.01 12.70 -9.87
C ARG A 41 -1.87 13.12 -8.96
N GLY A 42 -0.67 13.24 -9.52
CA GLY A 42 0.51 13.75 -8.80
C GLY A 42 1.28 12.62 -8.11
N SER A 43 0.96 11.37 -8.40
CA SER A 43 1.68 10.20 -7.85
C SER A 43 3.19 10.32 -8.01
N CYS A 44 3.94 9.81 -7.04
CA CYS A 44 5.40 9.83 -7.12
C CYS A 44 5.91 8.95 -8.27
N TYR A 45 5.05 8.07 -8.76
CA TYR A 45 5.38 7.15 -9.86
C TYR A 45 5.06 7.63 -11.26
N VAL A 46 4.46 8.81 -11.42
CA VAL A 46 4.04 9.27 -12.76
C VAL A 46 4.58 10.66 -13.01
N GLU A 47 5.45 10.82 -13.99
CA GLU A 47 6.02 12.17 -14.26
C GLU A 47 4.96 13.29 -14.44
N GLN A 48 3.93 13.05 -15.25
CA GLN A 48 2.99 14.12 -15.61
C GLN A 48 2.01 14.40 -14.45
N PRO A 49 1.82 15.70 -14.09
CA PRO A 49 1.16 16.00 -12.81
C PRO A 49 -0.35 15.89 -12.82
N PHE A 50 -1.00 15.95 -13.97
CA PHE A 50 -2.46 15.91 -13.94
C PHE A 50 -3.04 14.57 -14.41
N SER A 51 -2.17 13.60 -14.64
CA SER A 51 -2.60 12.32 -15.14
C SER A 51 -2.95 11.44 -13.96
N ASN A 52 -4.12 10.81 -13.97
CA ASN A 52 -4.52 9.94 -12.84
C ASN A 52 -3.74 8.63 -12.88
N ALA A 53 -2.93 8.37 -11.87
CA ALA A 53 -2.09 7.18 -11.88
C ALA A 53 -2.81 5.85 -11.70
N PHE A 54 -4.04 5.81 -11.23
CA PHE A 54 -4.68 4.51 -10.93
C PHE A 54 -4.74 3.57 -12.15
N PRO A 55 -5.27 4.04 -13.31
CA PRO A 55 -5.24 3.23 -14.56
C PRO A 55 -3.86 2.91 -15.12
N ALA A 56 -2.82 3.60 -14.66
CA ALA A 56 -1.49 3.26 -15.17
C ALA A 56 -1.01 1.94 -14.54
N PHE A 57 -1.55 1.56 -13.37
CA PHE A 57 -1.16 0.30 -12.74
C PHE A 57 -2.33 -0.72 -12.55
N PHE A 58 -3.56 -0.22 -12.53
CA PHE A 58 -4.73 -1.05 -12.31
C PHE A 58 -5.75 -0.97 -13.43
N GLU A 59 -6.49 -2.05 -13.59
CA GLU A 59 -7.57 -2.13 -14.55
C GLU A 59 -8.75 -1.27 -14.13
N PRO A 60 -9.56 -0.82 -15.09
CA PRO A 60 -10.73 0.00 -14.74
C PRO A 60 -11.66 -0.65 -13.72
N VAL A 61 -12.14 0.15 -12.78
CA VAL A 61 -13.12 -0.35 -11.84
C VAL A 61 -14.27 0.65 -11.72
N GLU A 62 -15.49 0.17 -11.88
CA GLU A 62 -16.67 1.04 -11.78
C GLU A 62 -17.49 0.81 -10.50
N ASP A 63 -17.13 -0.18 -9.69
CA ASP A 63 -17.92 -0.59 -8.53
C ASP A 63 -17.06 -1.41 -7.60
N ILE A 64 -17.07 -1.06 -6.32
CA ILE A 64 -16.45 -1.90 -5.30
C ILE A 64 -17.47 -2.26 -4.23
N ALA A 65 -17.86 -3.53 -4.27
CA ALA A 65 -18.77 -4.08 -3.28
C ALA A 65 -19.94 -3.18 -3.07
N GLY A 66 -20.57 -2.73 -4.15
CA GLY A 66 -21.77 -1.87 -4.04
C GLY A 66 -21.56 -0.38 -4.04
N VAL A 67 -20.31 0.08 -3.97
CA VAL A 67 -20.01 1.51 -3.98
C VAL A 67 -19.58 1.88 -5.41
N PRO A 68 -20.28 2.82 -6.10
CA PRO A 68 -19.82 3.22 -7.45
C PRO A 68 -18.45 3.92 -7.39
N VAL A 69 -17.64 3.73 -8.43
CA VAL A 69 -16.26 4.17 -8.41
C VAL A 69 -15.93 4.90 -9.70
N ILE A 70 -15.34 6.10 -9.58
CA ILE A 70 -14.72 6.84 -10.67
C ILE A 70 -13.20 6.83 -10.45
N CYS A 71 -12.45 6.28 -11.41
CA CYS A 71 -11.03 6.06 -11.18
C CYS A 71 -10.14 6.41 -12.34
N ASP A 72 -10.57 7.30 -13.22
CA ASP A 72 -9.84 7.55 -14.46
C ASP A 72 -9.70 9.05 -14.69
N ASP A 73 -9.54 9.48 -15.93
CA ASP A 73 -9.24 10.86 -16.20
C ASP A 73 -10.47 11.74 -16.09
N ARG A 74 -11.64 11.13 -15.81
CA ARG A 74 -12.81 11.94 -15.48
C ARG A 74 -12.57 12.90 -14.31
N VAL A 75 -11.59 12.62 -13.46
CA VAL A 75 -11.27 13.58 -12.41
C VAL A 75 -10.88 14.94 -12.96
N ASN A 76 -10.47 14.98 -14.22
CA ASN A 76 -10.07 16.20 -14.90
C ASN A 76 -11.18 16.92 -15.61
N GLN A 77 -12.36 16.30 -15.75
CA GLN A 77 -13.49 16.98 -16.41
C GLN A 77 -14.68 17.23 -15.47
N LEU A 78 -14.93 16.37 -14.50
CA LEU A 78 -16.06 16.55 -13.59
C LEU A 78 -15.77 17.62 -12.52
N SER A 79 -16.79 18.42 -12.20
CA SER A 79 -16.75 19.38 -11.09
C SER A 79 -17.48 18.80 -9.88
N PHE A 80 -16.77 18.30 -8.89
CA PHE A 80 -17.48 17.62 -7.81
C PHE A 80 -18.10 18.67 -6.89
N PRO A 81 -19.32 18.45 -6.41
CA PRO A 81 -20.04 19.58 -5.84
C PRO A 81 -19.78 19.81 -4.35
N GLY A 82 -19.83 21.07 -3.97
CA GLY A 82 -19.74 21.43 -2.59
C GLY A 82 -21.11 21.54 -1.96
N PRO A 83 -21.17 21.94 -0.67
CA PRO A 83 -20.00 22.30 0.14
C PRO A 83 -19.07 21.10 0.32
N PHE A 84 -17.83 21.37 0.74
CA PHE A 84 -16.82 20.31 0.93
C PHE A 84 -16.47 20.13 2.38
N PHE A 85 -15.99 18.94 2.68
CA PHE A 85 -15.38 18.62 3.96
C PHE A 85 -14.04 17.88 3.70
N PRO A 86 -12.98 18.15 4.50
CA PRO A 86 -12.82 19.18 5.56
C PRO A 86 -13.06 20.61 5.07
N ARG A 87 -13.29 21.53 5.98
CA ARG A 87 -13.80 22.83 5.59
C ARG A 87 -12.79 23.70 4.86
N TRP A 88 -11.51 23.36 4.94
CA TRP A 88 -10.43 24.00 4.15
C TRP A 88 -10.76 23.99 2.66
N TRP A 89 -11.38 22.92 2.21
CA TRP A 89 -11.64 22.74 0.77
C TRP A 89 -12.70 23.71 0.20
N ASN A 90 -13.37 24.43 1.09
CA ASN A 90 -14.26 25.52 0.70
C ASN A 90 -13.57 26.84 0.46
N ARG A 91 -12.27 26.98 0.75
CA ARG A 91 -11.57 28.26 0.57
C ARG A 91 -11.32 28.53 -0.93
N PRO A 92 -11.14 29.80 -1.30
CA PRO A 92 -10.75 30.12 -2.69
C PRO A 92 -9.46 29.40 -3.10
N SER A 93 -9.25 29.14 -4.39
CA SER A 93 -8.03 28.37 -4.78
C SER A 93 -6.72 29.09 -4.54
N ILE A 94 -6.70 30.41 -4.59
CA ILE A 94 -5.48 31.14 -4.31
C ILE A 94 -5.15 30.95 -2.82
N ASP A 95 -6.17 30.75 -1.96
CA ASP A 95 -5.93 30.48 -0.53
C ASP A 95 -5.48 29.05 -0.35
N CYS A 96 -5.65 28.20 -1.36
CA CYS A 96 -5.22 26.80 -1.24
C CYS A 96 -3.84 26.44 -1.80
N ILE A 97 -3.11 27.38 -2.38
CA ILE A 97 -1.70 27.10 -2.74
C ILE A 97 -0.92 26.61 -1.50
N ASN A 98 -1.05 27.31 -0.39
CA ASN A 98 -0.35 26.98 0.85
C ASN A 98 -1.01 25.80 1.53
N ARG A 99 -0.37 24.65 1.54
CA ARG A 99 -0.93 23.45 2.17
C ARG A 99 0.16 22.76 2.95
N PRO A 100 0.53 23.30 4.09
CA PRO A 100 1.61 22.68 4.88
C PRO A 100 1.18 21.42 5.65
N ASP A 101 2.17 20.70 6.15
CA ASP A 101 1.98 19.49 6.90
C ASP A 101 0.99 19.71 8.06
N GLU A 102 1.07 20.83 8.75
CA GLU A 102 0.15 21.10 9.85
C GLU A 102 -1.30 21.02 9.38
N GLN A 103 -1.56 21.45 8.14
CA GLN A 103 -2.93 21.44 7.66
C GLN A 103 -3.31 20.04 7.22
N ILE A 104 -2.38 19.31 6.61
CA ILE A 104 -2.66 17.93 6.23
C ILE A 104 -3.00 17.12 7.45
N PHE A 105 -2.19 17.21 8.52
CA PHE A 105 -2.43 16.48 9.77
C PHE A 105 -3.73 16.84 10.51
N ARG A 106 -4.09 18.10 10.51
CA ARG A 106 -5.42 18.53 11.01
C ARG A 106 -6.56 17.81 10.28
N GLU A 107 -6.46 17.77 8.95
CA GLU A 107 -7.43 17.07 8.11
C GLU A 107 -7.51 15.55 8.36
N ARG A 108 -6.39 14.89 8.65
CA ARG A 108 -6.44 13.48 9.07
C ARG A 108 -7.29 13.35 10.35
N ASP A 109 -7.00 14.19 11.32
CA ASP A 109 -7.73 14.21 12.60
C ASP A 109 -9.20 14.58 12.41
N GLU A 110 -9.48 15.54 11.55
CA GLU A 110 -10.88 15.94 11.30
C GLU A 110 -11.65 14.84 10.61
N LEU A 111 -11.08 14.24 9.57
CA LEU A 111 -11.69 13.09 8.90
C LEU A 111 -11.92 11.90 9.88
N THR A 112 -10.93 11.61 10.74
CA THR A 112 -11.07 10.57 11.77
C THR A 112 -12.25 10.81 12.69
N GLU A 113 -12.40 12.03 13.19
CA GLU A 113 -13.56 12.43 13.98
C GLU A 113 -14.84 12.15 13.18
N LEU A 114 -14.89 12.63 11.93
CA LEU A 114 -16.07 12.45 11.08
C LEU A 114 -16.46 10.98 10.88
N PHE A 115 -15.47 10.13 10.67
CA PHE A 115 -15.72 8.70 10.46
C PHE A 115 -16.20 8.00 11.71
N GLN A 116 -15.91 8.58 12.87
CA GLN A 116 -16.36 8.00 14.14
C GLN A 116 -17.72 8.55 14.51
N ALA A 117 -18.13 9.64 13.86
CA ALA A 117 -19.38 10.30 14.24
C ALA A 117 -20.58 9.48 13.74
N ARG A 118 -21.72 9.67 14.39
CA ARG A 118 -22.97 8.93 14.10
C ARG A 118 -23.72 9.44 12.85
N GLU A 119 -23.71 10.76 12.66
CA GLU A 119 -24.41 11.39 11.56
C GLU A 119 -23.45 11.66 10.40
N ASP A 120 -23.87 11.30 9.18
CA ASP A 120 -23.21 11.69 7.93
C ASP A 120 -22.95 13.20 7.89
N SER A 121 -21.90 13.62 7.17
CA SER A 121 -21.65 15.03 6.91
C SER A 121 -22.67 15.54 5.92
N GLU A 122 -22.95 16.84 6.01
CA GLU A 122 -23.91 17.43 5.08
CA GLU A 122 -23.89 17.51 5.14
C GLU A 122 -23.18 17.90 3.84
N ALA A 123 -21.84 17.93 3.91
CA ALA A 123 -21.02 18.25 2.75
C ALA A 123 -21.30 17.28 1.62
N ASN A 124 -21.43 17.77 0.40
CA ASN A 124 -21.70 16.90 -0.74
C ASN A 124 -20.47 16.17 -1.31
N THR A 125 -19.28 16.66 -1.01
CA THR A 125 -18.05 16.02 -1.42
C THR A 125 -17.06 16.03 -0.26
N ILE A 126 -16.60 14.84 0.14
CA ILE A 126 -15.56 14.69 1.17
C ILE A 126 -14.25 14.50 0.45
N VAL A 127 -13.28 15.38 0.73
CA VAL A 127 -11.97 15.26 0.08
C VAL A 127 -11.00 14.65 1.09
N CYS A 128 -10.48 13.48 0.78
CA CYS A 128 -9.51 12.80 1.62
C CYS A 128 -8.16 12.98 0.99
N ASP A 129 -7.31 13.78 1.63
CA ASP A 129 -5.98 14.13 1.10
C ASP A 129 -4.98 14.19 2.25
N ALA A 130 -4.92 13.10 3.03
CA ALA A 130 -4.05 12.96 4.20
C ALA A 130 -3.92 11.47 4.39
N CYS A 131 -3.01 11.02 5.25
CA CYS A 131 -2.86 9.59 5.47
C CYS A 131 -4.02 9.06 6.28
N LEU A 132 -4.67 8.00 5.80
CA LEU A 132 -5.84 7.39 6.47
C LEU A 132 -5.58 5.92 6.78
N MET A 133 -4.30 5.60 6.91
CA MET A 133 -3.91 4.30 7.42
C MET A 133 -4.52 4.16 8.81
N TRP A 134 -4.97 2.95 9.11
CA TRP A 134 -5.56 2.60 10.39
C TRP A 134 -6.94 3.25 10.64
N ARG A 135 -7.61 3.80 9.63
CA ARG A 135 -8.93 4.41 9.84
C ARG A 135 -10.07 3.63 9.17
N CYS A 136 -9.99 2.31 9.22
CA CYS A 136 -10.99 1.45 8.63
C CYS A 136 -10.83 0.10 9.18
N SER A 137 -11.79 -0.76 8.90
CA SER A 137 -11.74 -2.13 9.35
C SER A 137 -10.80 -2.87 8.44
N GLU A 138 -10.36 -4.03 8.91
CA GLU A 138 -9.54 -4.91 8.10
CA GLU A 138 -9.57 -5.00 8.16
C GLU A 138 -10.32 -5.50 6.92
N GLU A 139 -11.65 -5.63 7.04
CA GLU A 139 -12.54 -6.07 5.93
C GLU A 139 -12.54 -5.08 4.80
N ALA A 140 -12.61 -3.80 5.13
CA ALA A 140 -12.43 -2.77 4.13
C ALA A 140 -11.16 -2.98 3.36
N GLU A 141 -10.03 -3.14 4.07
CA GLU A 141 -8.74 -3.32 3.35
C GLU A 141 -8.81 -4.58 2.45
N ARG A 142 -9.30 -5.69 3.00
CA ARG A 142 -9.39 -6.91 2.25
C ARG A 142 -10.27 -6.75 1.02
N LEU A 143 -11.34 -5.96 1.12
CA LEU A 143 -12.22 -5.76 -0.02
C LEU A 143 -11.53 -5.02 -1.13
N ILE A 144 -10.75 -3.98 -0.80
CA ILE A 144 -9.98 -3.28 -1.83
C ILE A 144 -9.09 -4.25 -2.61
N PHE A 145 -8.30 -5.05 -1.90
CA PHE A 145 -7.27 -5.93 -2.58
C PHE A 145 -7.94 -7.03 -3.41
N ARG A 146 -9.10 -7.51 -2.97
CA ARG A 146 -9.85 -8.49 -3.73
C ARG A 146 -10.58 -7.91 -4.96
N ASN A 147 -10.89 -6.63 -4.95
CA ASN A 147 -11.83 -6.08 -5.96
C ASN A 147 -11.27 -5.03 -6.92
N ILE A 148 -9.93 -4.90 -6.92
CA ILE A 148 -9.17 -4.21 -7.96
C ILE A 148 -8.17 -5.22 -8.48
N LYS A 149 -7.71 -4.99 -9.70
CA LYS A 149 -6.81 -5.93 -10.35
CA LYS A 149 -6.79 -5.92 -10.33
C LYS A 149 -5.68 -5.20 -11.06
N LEU A 150 -4.48 -5.70 -10.85
CA LEU A 150 -3.30 -5.27 -11.55
C LEU A 150 -3.44 -5.46 -13.04
N ARG A 151 -2.87 -4.52 -13.77
CA ARG A 151 -2.76 -4.60 -15.23
CA ARG A 151 -2.81 -4.62 -15.22
C ARG A 151 -2.10 -5.89 -15.68
N SER A 152 -2.52 -6.40 -16.84
CA SER A 152 -2.00 -7.65 -17.40
C SER A 152 -0.49 -7.71 -17.45
N GLU A 153 0.13 -6.64 -17.89
CA GLU A 153 1.61 -6.55 -17.97
C GLU A 153 2.28 -6.73 -16.60
N ILE A 154 1.68 -6.21 -15.54
CA ILE A 154 2.28 -6.43 -14.22
C ILE A 154 1.96 -7.86 -13.72
N ARG A 155 0.73 -8.33 -13.95
CA ARG A 155 0.38 -9.70 -13.54
C ARG A 155 1.21 -10.76 -14.19
N ALA A 156 1.55 -10.59 -15.48
CA ALA A 156 2.36 -11.60 -16.18
C ALA A 156 3.69 -11.72 -15.52
N ARG A 157 4.26 -10.59 -15.11
CA ARG A 157 5.60 -10.67 -14.48
C ARG A 157 5.44 -11.37 -13.12
N ILE A 158 4.40 -11.04 -12.35
CA ILE A 158 4.19 -11.74 -11.09
C ILE A 158 4.07 -13.25 -11.35
N ASP A 159 3.35 -13.62 -12.39
CA ASP A 159 3.09 -15.02 -12.66
C ASP A 159 4.38 -15.73 -13.06
N ALA A 160 5.18 -15.10 -13.90
CA ALA A 160 6.44 -15.71 -14.35
C ALA A 160 7.36 -16.00 -13.16
N LEU A 161 7.48 -15.01 -12.29
CA LEU A 161 8.35 -15.08 -11.14
C LEU A 161 7.86 -16.13 -10.14
N TYR A 162 6.54 -16.22 -10.03
CA TYR A 162 5.89 -17.19 -9.18
C TYR A 162 6.22 -18.60 -9.64
N GLU A 163 5.93 -18.89 -10.90
CA GLU A 163 6.37 -20.17 -11.49
C GLU A 163 7.90 -20.44 -11.36
N GLU A 164 8.73 -19.42 -11.53
CA GLU A 164 10.19 -19.62 -11.54
C GLU A 164 10.79 -19.89 -10.15
N HIS A 165 10.21 -19.31 -9.10
CA HIS A 165 10.82 -19.36 -7.76
C HIS A 165 9.88 -19.85 -6.66
N PHE A 166 8.58 -19.55 -6.76
CA PHE A 166 7.64 -19.79 -5.64
C PHE A 166 7.04 -21.20 -5.70
N SER A 167 6.57 -21.59 -6.88
CA SER A 167 5.91 -22.87 -7.03
C SER A 167 6.79 -24.01 -6.57
N GLY A 168 6.22 -24.95 -5.84
CA GLY A 168 6.98 -26.11 -5.30
C GLY A 168 7.86 -25.82 -4.08
N HIS A 169 7.81 -24.60 -3.55
CA HIS A 169 8.72 -24.20 -2.48
C HIS A 169 7.96 -23.38 -1.41
N SER A 170 8.55 -23.25 -0.23
CA SER A 170 8.03 -22.34 0.82
C SER A 170 8.99 -21.16 0.95
N ILE A 171 8.48 -19.95 0.84
CA ILE A 171 9.29 -18.80 0.62
C ILE A 171 9.24 -17.97 1.86
N ILE A 172 10.40 -17.59 2.35
CA ILE A 172 10.48 -16.66 3.46
C ILE A 172 10.70 -15.31 2.84
N GLY A 173 9.76 -14.39 3.00
CA GLY A 173 9.89 -13.08 2.38
C GLY A 173 10.59 -12.14 3.33
N VAL A 174 11.47 -11.28 2.85
CA VAL A 174 12.22 -10.37 3.73
C VAL A 174 12.15 -8.99 3.11
N HIS A 175 11.52 -8.05 3.83
CA HIS A 175 11.41 -6.68 3.42
C HIS A 175 12.34 -5.86 4.27
N VAL A 176 13.34 -5.25 3.65
CA VAL A 176 14.37 -4.50 4.38
C VAL A 176 14.42 -3.06 3.87
N ARG A 177 13.94 -2.13 4.66
CA ARG A 177 13.95 -0.74 4.22
C ARG A 177 15.21 -0.08 4.79
N HIS A 178 16.00 0.46 3.86
CA HIS A 178 17.40 0.88 4.06
C HIS A 178 18.35 -0.35 4.11
N ALA A 192 28.58 1.80 10.42
CA ALA A 192 28.35 1.19 11.73
C ALA A 192 26.86 0.90 11.95
N ASP A 193 26.00 1.85 11.59
CA ASP A 193 24.56 1.59 11.62
C ASP A 193 24.19 0.47 10.64
N SER A 194 24.87 0.41 9.49
CA SER A 194 24.64 -0.68 8.53
C SER A 194 25.13 -2.03 9.04
N GLU A 195 26.11 -2.03 9.93
CA GLU A 195 26.62 -3.30 10.46
C GLU A 195 25.60 -4.00 11.34
N LEU A 196 25.00 -3.25 12.26
CA LEU A 196 23.99 -3.80 13.17
C LEU A 196 22.79 -4.22 12.39
N ALA A 197 22.34 -3.35 11.49
CA ALA A 197 21.17 -3.66 10.67
C ALA A 197 21.36 -4.98 9.92
N LEU A 198 22.49 -5.14 9.25
CA LEU A 198 22.80 -6.42 8.56
C LEU A 198 22.72 -7.57 9.55
N HIS A 199 23.24 -7.36 10.74
CA HIS A 199 23.28 -8.42 11.72
C HIS A 199 21.86 -8.81 12.13
N GLN A 200 21.00 -7.79 12.33
CA GLN A 200 19.59 -8.01 12.73
C GLN A 200 18.86 -8.75 11.64
N VAL A 201 19.01 -8.34 10.39
CA VAL A 201 18.39 -9.08 9.32
C VAL A 201 18.82 -10.56 9.37
N CYS A 202 20.12 -10.83 9.60
CA CYS A 202 20.60 -12.20 9.60
C CYS A 202 19.94 -13.01 10.72
N MET A 203 19.78 -12.41 11.89
CA MET A 203 19.16 -13.11 13.01
C MET A 203 17.66 -13.34 12.74
N ALA A 204 16.98 -12.39 12.08
CA ALA A 204 15.60 -12.59 11.67
C ALA A 204 15.49 -13.75 10.69
N ILE A 205 16.43 -13.84 9.75
CA ILE A 205 16.40 -14.94 8.81
C ILE A 205 16.67 -16.28 9.47
N ARG A 206 17.61 -16.34 10.42
CA ARG A 206 17.89 -17.63 11.09
C ARG A 206 16.67 -18.07 11.90
N LYS A 207 15.99 -17.13 12.57
CA LYS A 207 14.76 -17.47 13.27
C LYS A 207 13.71 -18.03 12.29
N ALA A 208 13.56 -17.34 11.16
CA ALA A 208 12.56 -17.73 10.18
C ALA A 208 12.87 -19.12 9.62
N LYS A 209 14.16 -19.40 9.44
CA LYS A 209 14.57 -20.66 8.85
C LYS A 209 14.48 -21.81 9.86
N ALA A 210 14.39 -21.49 11.16
CA ALA A 210 14.35 -22.55 12.18
C ALA A 210 12.96 -23.16 12.24
N LEU A 211 11.94 -22.39 11.82
CA LEU A 211 10.59 -22.92 11.74
C LEU A 211 10.49 -24.04 10.69
N SER A 212 9.36 -24.74 10.73
CA SER A 212 9.10 -25.85 9.82
C SER A 212 8.22 -25.36 8.65
N TYR A 213 8.47 -25.92 7.46
CA TYR A 213 7.69 -25.61 6.28
C TYR A 213 7.34 -26.88 5.52
N PRO A 214 6.29 -26.82 4.68
CA PRO A 214 5.91 -28.05 3.97
C PRO A 214 6.82 -28.39 2.78
N LYS A 215 7.41 -27.37 2.16
CA LYS A 215 8.09 -27.54 0.89
C LYS A 215 9.50 -27.01 1.03
N PRO A 216 10.40 -27.32 0.07
CA PRO A 216 11.77 -26.81 0.25
C PRO A 216 11.82 -25.27 0.32
N VAL A 217 12.66 -24.74 1.19
CA VAL A 217 12.70 -23.30 1.52
C VAL A 217 13.59 -22.48 0.61
N LYS A 218 13.14 -21.29 0.24
CA LYS A 218 13.91 -20.29 -0.45
C LYS A 218 13.65 -18.93 0.18
N VAL A 219 14.60 -17.99 0.00
CA VAL A 219 14.51 -16.70 0.67
C VAL A 219 14.35 -15.59 -0.36
N PHE A 220 13.25 -14.84 -0.25
CA PHE A 220 12.88 -13.78 -1.20
C PHE A 220 13.18 -12.45 -0.54
N LEU A 221 14.14 -11.74 -1.10
CA LEU A 221 14.66 -10.54 -0.45
C LEU A 221 14.21 -9.32 -1.24
N CYS A 222 13.59 -8.38 -0.54
CA CYS A 222 13.11 -7.11 -1.14
C CYS A 222 13.79 -5.95 -0.43
N THR A 223 14.81 -5.40 -1.07
CA THR A 223 15.61 -4.35 -0.52
C THR A 223 16.06 -3.41 -1.65
N ASP A 224 16.34 -2.16 -1.28
CA ASP A 224 16.82 -1.15 -2.22
C ASP A 224 18.36 -1.11 -2.31
N SER A 225 19.02 -1.78 -1.35
CA SER A 225 20.49 -1.81 -1.26
C SER A 225 21.09 -3.06 -1.99
N ALA A 226 21.89 -2.79 -3.01
CA ALA A 226 22.71 -3.80 -3.67
C ALA A 226 23.65 -4.49 -2.66
N GLN A 227 24.12 -3.74 -1.67
CA GLN A 227 25.07 -4.27 -0.69
C GLN A 227 24.38 -5.24 0.26
N VAL A 228 23.11 -4.99 0.56
CA VAL A 228 22.34 -5.85 1.46
C VAL A 228 21.99 -7.14 0.74
N LEU A 229 21.48 -7.03 -0.47
CA LEU A 229 21.32 -8.22 -1.29
C LEU A 229 22.56 -9.11 -1.32
N ASP A 230 23.70 -8.52 -1.63
CA ASP A 230 24.93 -9.24 -1.89
C ASP A 230 25.45 -9.99 -0.65
N GLN A 231 25.34 -9.31 0.49
CA GLN A 231 25.80 -9.85 1.74
C GLN A 231 24.82 -10.94 2.25
N VAL A 232 23.54 -10.65 2.29
CA VAL A 232 22.56 -11.67 2.71
C VAL A 232 22.66 -12.89 1.79
N SER A 233 22.84 -12.67 0.50
CA SER A 233 23.06 -13.76 -0.47
C SER A 233 24.29 -14.61 -0.21
N GLY A 234 25.36 -13.99 0.35
CA GLY A 234 26.58 -14.71 0.68
C GLY A 234 26.56 -15.45 2.01
N LEU A 235 25.56 -15.14 2.83
CA LEU A 235 25.44 -15.69 4.19
C LEU A 235 24.33 -16.76 4.31
N PHE A 236 23.55 -16.95 3.27
CA PHE A 236 22.42 -17.91 3.31
C PHE A 236 22.28 -18.49 1.91
N PRO A 237 21.96 -19.79 1.81
CA PRO A 237 21.67 -20.37 0.52
C PRO A 237 20.27 -19.95 -0.01
N ASP A 238 20.13 -20.00 -1.34
CA ASP A 238 18.86 -19.89 -2.04
C ASP A 238 18.14 -18.56 -1.83
N VAL A 239 18.90 -17.47 -1.74
CA VAL A 239 18.35 -16.13 -1.70
C VAL A 239 18.13 -15.63 -3.12
N PHE A 240 16.98 -15.01 -3.39
CA PHE A 240 16.73 -14.37 -4.69
C PHE A 240 15.88 -13.10 -4.55
N ALA A 241 15.95 -12.29 -5.58
CA ALA A 241 15.29 -11.04 -5.67
C ALA A 241 14.79 -10.88 -7.10
N VAL A 242 13.84 -9.96 -7.28
CA VAL A 242 13.43 -9.55 -8.61
C VAL A 242 14.53 -8.71 -9.28
N PRO A 243 14.99 -9.13 -10.48
CA PRO A 243 15.98 -8.35 -11.23
C PRO A 243 15.53 -6.93 -11.49
N LYS A 244 16.47 -5.99 -11.41
CA LYS A 244 16.28 -4.64 -11.96
C LYS A 244 16.27 -4.68 -13.48
N ARG A 245 15.38 -3.88 -14.08
CA ARG A 245 15.41 -3.63 -15.53
C ARG A 245 16.02 -2.24 -15.84
N SER A 256 12.67 8.28 -18.10
CA SER A 256 12.26 9.34 -17.19
C SER A 256 10.83 9.06 -16.68
N ALA A 257 9.84 9.25 -17.55
CA ALA A 257 8.46 8.81 -17.26
C ALA A 257 8.38 7.27 -17.21
N GLU A 258 9.15 6.61 -18.07
CA GLU A 258 9.18 5.14 -18.12
C GLU A 258 9.85 4.54 -16.85
N MET A 259 10.80 5.26 -16.26
CA MET A 259 11.36 4.89 -14.94
C MET A 259 10.41 5.25 -13.80
N GLY A 260 9.49 6.18 -14.02
CA GLY A 260 8.39 6.40 -13.09
C GLY A 260 7.53 5.16 -13.04
N ILE A 261 6.92 4.82 -14.18
CA ILE A 261 6.09 3.62 -14.33
C ILE A 261 6.79 2.37 -13.87
N GLU A 262 8.03 2.17 -14.31
CA GLU A 262 8.76 0.95 -13.97
C GLU A 262 9.07 0.87 -12.47
N GLY A 263 9.35 1.98 -11.79
CA GLY A 263 9.42 1.99 -10.32
C GLY A 263 8.08 1.57 -9.66
N GLY A 264 6.97 2.08 -10.14
CA GLY A 264 5.67 1.70 -9.59
C GLY A 264 5.42 0.22 -9.74
N ALA A 265 5.67 -0.27 -10.94
CA ALA A 265 5.44 -1.67 -11.29
C ALA A 265 6.28 -2.59 -10.46
N SER A 266 7.57 -2.30 -10.33
CA SER A 266 8.40 -3.20 -9.51
C SER A 266 8.04 -3.13 -8.01
N ALA A 267 7.60 -1.96 -7.53
CA ALA A 267 7.06 -1.85 -6.16
C ALA A 267 5.84 -2.80 -5.97
N LEU A 268 4.94 -2.79 -6.94
CA LEU A 268 3.74 -3.67 -6.87
C LEU A 268 4.10 -5.13 -7.01
N ILE A 269 5.11 -5.42 -7.81
CA ILE A 269 5.46 -6.81 -8.00
C ILE A 269 5.98 -7.37 -6.67
N ASP A 270 6.91 -6.67 -6.03
CA ASP A 270 7.37 -7.09 -4.70
C ASP A 270 6.24 -7.13 -3.66
N MET A 271 5.39 -6.11 -3.63
CA MET A 271 4.32 -6.05 -2.62
C MET A 271 3.44 -7.28 -2.70
N TYR A 272 3.09 -7.66 -3.94
CA TYR A 272 2.18 -8.79 -4.14
C TYR A 272 2.86 -10.15 -3.91
N LEU A 273 4.12 -10.28 -4.30
CA LEU A 273 4.82 -11.52 -4.05
C LEU A 273 5.06 -11.73 -2.57
N LEU A 274 5.37 -10.66 -1.85
CA LEU A 274 5.52 -10.80 -0.39
C LEU A 274 4.26 -11.45 0.22
N ALA A 275 3.08 -11.10 -0.31
CA ALA A 275 1.84 -11.65 0.20
C ALA A 275 1.58 -13.11 -0.18
N ARG A 276 2.43 -13.70 -1.01
CA ARG A 276 2.38 -15.17 -1.32
C ARG A 276 3.44 -15.98 -0.57
N CYS A 277 4.23 -15.35 0.30
CA CYS A 277 5.20 -16.08 1.09
C CYS A 277 4.59 -16.89 2.24
N ALA A 278 5.33 -17.84 2.78
CA ALA A 278 4.90 -18.60 3.96
C ALA A 278 5.22 -17.82 5.25
N THR A 279 6.31 -17.09 5.24
CA THR A 279 6.69 -16.28 6.39
C THR A 279 7.22 -14.97 5.84
N VAL A 280 6.96 -13.87 6.51
CA VAL A 280 7.46 -12.59 6.07
C VAL A 280 8.10 -11.79 7.19
N ILE A 281 9.30 -11.27 6.93
CA ILE A 281 10.07 -10.51 7.90
C ILE A 281 9.89 -9.09 7.52
N ARG A 282 9.38 -8.27 8.44
CA ARG A 282 9.18 -6.84 8.20
C ARG A 282 10.24 -6.05 8.94
N PHE A 283 11.15 -5.44 8.20
CA PHE A 283 12.22 -4.64 8.80
C PHE A 283 12.07 -3.28 8.08
N PRO A 284 11.25 -2.36 8.60
CA PRO A 284 10.55 -2.45 9.87
C PRO A 284 9.04 -2.80 9.74
N PRO A 285 8.39 -3.11 10.87
CA PRO A 285 6.96 -3.43 10.88
C PRO A 285 6.03 -2.22 10.67
N THR A 286 6.53 -0.99 10.76
CA THR A 286 5.70 0.21 10.51
C THR A 286 5.52 0.55 9.02
N SER A 287 6.11 -0.23 8.13
CA SER A 287 5.92 0.00 6.70
C SER A 287 4.54 -0.48 6.20
N ALA A 288 3.82 0.40 5.52
CA ALA A 288 2.57 0.07 4.83
C ALA A 288 2.82 -0.87 3.66
N PHE A 289 4.06 -0.92 3.18
CA PHE A 289 4.44 -1.77 2.04
C PHE A 289 4.16 -3.26 2.24
N THR A 290 4.34 -3.70 3.48
CA THR A 290 4.09 -5.08 3.84
C THR A 290 2.75 -5.24 4.53
N ARG A 291 1.87 -4.24 4.52
CA ARG A 291 0.51 -4.41 5.11
C ARG A 291 -0.26 -5.56 4.41
N TYR A 292 -0.17 -5.62 3.10
CA TYR A 292 -0.91 -6.65 2.35
C TYR A 292 -0.39 -8.01 2.80
N ALA A 293 0.91 -8.14 2.93
CA ALA A 293 1.48 -9.40 3.40
C ALA A 293 0.99 -9.72 4.82
N ARG A 294 0.86 -8.70 5.69
CA ARG A 294 0.41 -8.93 7.05
C ARG A 294 -0.99 -9.50 7.05
N LEU A 295 -1.81 -9.08 6.09
CA LEU A 295 -3.19 -9.47 6.03
C LEU A 295 -3.33 -10.95 5.57
N LEU A 296 -2.47 -11.39 4.64
CA LEU A 296 -2.58 -12.73 4.05
C LEU A 296 -1.59 -13.82 4.49
N VAL A 297 -0.42 -13.45 5.00
CA VAL A 297 0.66 -14.44 5.13
C VAL A 297 0.50 -15.18 6.48
N PRO A 298 0.88 -16.47 6.54
CA PRO A 298 0.59 -17.13 7.84
C PRO A 298 1.44 -16.67 9.02
N ARG A 299 2.69 -16.27 8.78
CA ARG A 299 3.59 -15.88 9.85
C ARG A 299 4.36 -14.60 9.54
N ILE A 300 4.32 -13.68 10.48
CA ILE A 300 5.06 -12.44 10.38
C ILE A 300 6.12 -12.44 11.43
N ILE A 301 7.35 -12.10 11.06
CA ILE A 301 8.42 -11.92 12.04
C ILE A 301 8.86 -10.46 12.02
N GLU A 302 9.04 -9.88 13.21
CA GLU A 302 9.55 -8.52 13.32
C GLU A 302 10.27 -8.17 14.63
N PHE A 303 10.96 -7.04 14.61
CA PHE A 303 11.51 -6.45 15.82
C PHE A 303 10.42 -5.70 16.56
N ASP A 304 10.12 -6.17 17.76
CA ASP A 304 9.21 -5.49 18.68
C ASP A 304 9.84 -4.14 19.03
N LEU A 305 9.36 -3.05 18.42
CA LEU A 305 9.91 -1.71 18.76
C LEU A 305 9.84 -1.40 20.27
N SER A 306 8.71 -1.76 20.92
CA SER A 306 8.52 -1.60 22.37
C SER A 306 9.60 -2.30 23.23
N ASN A 307 10.12 -3.42 22.74
CA ASN A 307 11.28 -4.09 23.34
C ASN A 307 12.37 -4.17 22.27
N PRO A 308 13.10 -3.06 22.05
CA PRO A 308 13.92 -3.04 20.84
C PRO A 308 15.09 -4.03 20.92
N GLY A 309 15.43 -4.63 19.77
CA GLY A 309 16.46 -5.68 19.71
C GLY A 309 15.93 -7.11 19.87
N HIS A 310 14.65 -7.26 20.20
CA HIS A 310 14.03 -8.56 20.44
C HIS A 310 13.08 -8.94 19.30
N LEU A 311 13.23 -10.16 18.82
CA LEU A 311 12.41 -10.67 17.74
C LEU A 311 11.12 -11.29 18.26
N THR A 312 9.99 -10.97 17.62
CA THR A 312 8.69 -11.60 17.90
C THR A 312 8.03 -12.14 16.61
N MET A 313 7.22 -13.19 16.79
CA MET A 313 6.56 -13.89 15.71
C MET A 313 5.05 -13.84 15.97
N ILE A 314 4.31 -13.33 14.98
CA ILE A 314 2.85 -13.26 15.02
C ILE A 314 2.21 -14.24 14.03
N ASP A 315 1.38 -15.14 14.53
CA ASP A 315 0.60 -16.07 13.72
C ASP A 315 -0.63 -15.33 13.17
N ASN A 316 -0.87 -15.37 11.86
CA ASN A 316 -2.14 -14.79 11.35
C ASN A 316 -3.35 -15.57 11.80
N PRO A 317 -4.43 -14.87 12.19
CA PRO A 317 -5.77 -15.52 12.10
C PRO A 317 -6.10 -16.02 10.66
PB GDP B . 7.71 6.73 2.58
O1B GDP B . 7.23 7.45 3.98
O2B GDP B . 7.09 7.43 1.42
O3B GDP B . 7.21 5.18 2.72
O3A GDP B . 9.41 6.73 2.57
PA GDP B . 10.41 5.38 2.49
O1A GDP B . 11.53 5.69 1.52
O2A GDP B . 10.73 4.86 3.85
O5' GDP B . 9.44 4.25 1.75
C5' GDP B . 9.97 3.49 0.64
C4' GDP B . 9.50 3.94 -0.78
O4' GDP B . 9.92 2.84 -1.73
C3' GDP B . 7.99 3.95 -0.83
O3' GDP B . 7.55 4.46 -2.09
C2' GDP B . 7.76 2.45 -0.79
O2' GDP B . 6.42 2.15 -1.16
C1' GDP B . 8.80 1.93 -1.83
N9 GDP B . 9.30 0.58 -1.44
C8 GDP B . 9.39 0.15 -0.17
N7 GDP B . 9.87 -1.10 -0.15
C5 GDP B . 10.06 -1.46 -1.43
C6 GDP B . 10.54 -2.64 -1.99
O6 GDP B . 10.85 -3.58 -1.25
N1 GDP B . 10.64 -2.73 -3.40
C2 GDP B . 10.30 -1.63 -4.17
N2 GDP B . 10.40 -1.73 -5.49
N3 GDP B . 9.83 -0.52 -3.58
C4 GDP B . 9.72 -0.39 -2.25
P PO4 C . -5.20 -5.05 -19.17
O1 PO4 C . -3.84 -5.23 -19.89
O2 PO4 C . -6.22 -5.98 -19.81
O3 PO4 C . -5.08 -5.26 -17.66
O4 PO4 C . -5.65 -3.60 -19.39
CL CL D . -8.86 -11.50 2.16
#